data_1SEK
#
_entry.id   1SEK
#
_cell.length_a   125.960
_cell.length_b   42.050
_cell.length_c   76.050
_cell.angle_alpha   90.00
_cell.angle_beta   117.60
_cell.angle_gamma   90.00
#
_symmetry.space_group_name_H-M   'C 1 2 1'
#
loop_
_entity.id
_entity.type
_entity.pdbx_description
1 polymer 'SERPIN K'
2 water water
#
_entity_poly.entity_id   1
_entity_poly.type   'polypeptide(L)'
_entity_poly.pdbx_seq_one_letter_code
;MAGETDLQKILRESNDQFTAQMFSEVVKANPGQNVVLSAFSVLPPLGQLALASVGESHDELLRALALPNDNVTKDVFADL
NRGVRAVKGVDLKMASKIYVAKGLELNDDFAAVSRDVFGSEVQNVDFVKSVEAAGAINKWVEDQTNNRIKNLVDPDALDE
TTRSVLVNAIYFKGSWKDKFNKERTMDRDFHVSKDKTIKVPTMIGKKDVRYADVPELDAKMIEMSYEGDQASMIIILPNQ
VDGITALEQKLKDPKALSRAEERLYNTEVEIYLPKFKIETTTDLKEVLSNMNIKKLFTPGAARLENLLKTKESLYVDAAI
QKAFIEVNEEGAEAAAANAFKITTYSFHFVPKVEINKPFFFSLKYNRNSMFSGVCVQP
;
_entity_poly.pdbx_strand_id   A
#
# COMPACT_ATOMS: atom_id res chain seq x y z
N GLY A 3 16.31 21.37 0.24
CA GLY A 3 16.34 20.94 1.66
C GLY A 3 15.39 19.79 1.89
N GLU A 4 15.44 19.23 3.09
CA GLU A 4 14.58 18.11 3.46
C GLU A 4 13.09 18.44 3.33
N THR A 5 12.73 19.68 3.66
CA THR A 5 11.33 20.11 3.56
C THR A 5 10.82 19.94 2.13
N ASP A 6 11.62 20.42 1.17
CA ASP A 6 11.26 20.32 -0.23
C ASP A 6 11.29 18.88 -0.73
N LEU A 7 12.25 18.09 -0.26
CA LEU A 7 12.35 16.69 -0.67
C LEU A 7 11.12 15.91 -0.21
N GLN A 8 10.69 16.15 1.02
CA GLN A 8 9.53 15.46 1.57
C GLN A 8 8.29 15.86 0.78
N LYS A 9 8.25 17.11 0.36
CA LYS A 9 7.13 17.63 -0.40
C LYS A 9 7.01 16.94 -1.77
N ILE A 10 8.14 16.87 -2.49
CA ILE A 10 8.17 16.23 -3.80
C ILE A 10 7.67 14.80 -3.69
N LEU A 11 8.17 14.10 -2.66
CA LEU A 11 7.79 12.72 -2.42
C LEU A 11 6.27 12.61 -2.20
N ARG A 12 5.74 13.48 -1.33
CA ARG A 12 4.32 13.49 -1.03
C ARG A 12 3.49 13.66 -2.29
N GLU A 13 3.84 14.65 -3.09
CA GLU A 13 3.13 14.92 -4.34
C GLU A 13 3.19 13.71 -5.29
N SER A 14 4.39 13.13 -5.41
CA SER A 14 4.60 11.99 -6.28
C SER A 14 3.75 10.79 -5.85
N ASN A 15 3.81 10.44 -4.57
CA ASN A 15 3.04 9.32 -4.05
C ASN A 15 1.54 9.57 -4.21
N ASP A 16 1.14 10.82 -4.07
CA ASP A 16 -0.27 11.19 -4.18
C ASP A 16 -0.85 10.88 -5.56
N GLN A 17 -0.22 11.37 -6.62
CA GLN A 17 -0.73 11.13 -7.96
C GLN A 17 -0.50 9.69 -8.42
N PHE A 18 0.60 9.08 -7.98
CA PHE A 18 0.89 7.71 -8.37
C PHE A 18 -0.13 6.79 -7.71
N THR A 19 -0.40 7.03 -6.44
CA THR A 19 -1.36 6.23 -5.69
C THR A 19 -2.73 6.30 -6.36
N ALA A 20 -3.19 7.50 -6.69
CA ALA A 20 -4.48 7.67 -7.33
C ALA A 20 -4.51 6.87 -8.62
N GLN A 21 -3.47 7.02 -9.42
CA GLN A 21 -3.37 6.33 -10.70
C GLN A 21 -3.40 4.82 -10.55
N MET A 22 -2.58 4.30 -9.64
CA MET A 22 -2.50 2.87 -9.42
C MET A 22 -3.82 2.31 -8.88
N PHE A 23 -4.45 3.10 -8.01
CA PHE A 23 -5.71 2.69 -7.39
C PHE A 23 -6.80 2.43 -8.43
N SER A 24 -6.96 3.37 -9.36
CA SER A 24 -7.99 3.20 -10.39
C SER A 24 -7.70 1.98 -11.25
N GLU A 25 -6.44 1.79 -11.60
CA GLU A 25 -6.08 0.65 -12.43
C GLU A 25 -6.45 -0.68 -11.78
N VAL A 26 -6.03 -0.87 -10.52
CA VAL A 26 -6.31 -2.11 -9.80
C VAL A 26 -7.79 -2.33 -9.56
N VAL A 27 -8.49 -1.28 -9.15
CA VAL A 27 -9.91 -1.37 -8.88
C VAL A 27 -10.67 -1.69 -10.16
N LYS A 28 -10.19 -1.14 -11.28
CA LYS A 28 -10.83 -1.37 -12.57
C LYS A 28 -10.74 -2.82 -13.01
N ALA A 29 -9.61 -3.45 -12.69
CA ALA A 29 -9.39 -4.83 -13.08
C ALA A 29 -9.93 -5.85 -12.08
N ASN A 30 -10.53 -5.37 -10.99
CA ASN A 30 -11.08 -6.26 -9.96
C ASN A 30 -12.44 -5.80 -9.46
N PRO A 31 -13.42 -5.66 -10.36
CA PRO A 31 -14.76 -5.22 -9.96
C PRO A 31 -15.44 -6.14 -8.95
N GLY A 32 -16.04 -5.55 -7.92
CA GLY A 32 -16.75 -6.32 -6.91
C GLY A 32 -15.90 -7.27 -6.09
N GLN A 33 -14.65 -6.87 -5.84
CA GLN A 33 -13.76 -7.72 -5.07
C GLN A 33 -12.95 -6.89 -4.08
N ASN A 34 -12.57 -7.51 -2.97
CA ASN A 34 -11.76 -6.83 -1.99
C ASN A 34 -10.43 -6.60 -2.68
N VAL A 35 -9.78 -5.49 -2.38
CA VAL A 35 -8.50 -5.20 -2.99
C VAL A 35 -7.72 -4.28 -2.10
N VAL A 36 -6.42 -4.52 -2.01
CA VAL A 36 -5.54 -3.67 -1.24
C VAL A 36 -4.30 -3.49 -2.11
N LEU A 37 -3.75 -2.29 -2.14
CA LEU A 37 -2.57 -2.03 -2.95
C LEU A 37 -1.70 -0.95 -2.32
N SER A 38 -0.46 -0.84 -2.81
CA SER A 38 0.47 0.16 -2.30
C SER A 38 1.36 0.69 -3.41
N ALA A 39 1.21 1.99 -3.69
CA ALA A 39 1.99 2.66 -4.71
C ALA A 39 3.29 3.14 -4.07
N PHE A 40 3.22 3.40 -2.77
CA PHE A 40 4.37 3.86 -1.99
C PHE A 40 5.52 2.87 -1.97
N SER A 41 5.21 1.59 -1.74
CA SER A 41 6.21 0.53 -1.68
C SER A 41 6.86 0.23 -3.02
N VAL A 42 6.21 0.68 -4.09
CA VAL A 42 6.67 0.47 -5.47
C VAL A 42 7.61 1.58 -5.95
N LEU A 43 7.44 2.79 -5.43
CA LEU A 43 8.25 3.91 -5.85
C LEU A 43 9.76 3.70 -5.77
N PRO A 44 10.27 3.19 -4.63
CA PRO A 44 11.72 2.99 -4.54
C PRO A 44 12.34 2.12 -5.66
N PRO A 45 11.79 0.93 -5.92
CA PRO A 45 12.35 0.08 -6.98
C PRO A 45 12.24 0.74 -8.35
N LEU A 46 11.20 1.56 -8.52
CA LEU A 46 11.01 2.26 -9.79
C LEU A 46 12.04 3.36 -9.90
N GLY A 47 12.45 3.91 -8.76
CA GLY A 47 13.44 4.97 -8.75
C GLY A 47 14.81 4.37 -9.03
N GLN A 48 15.04 3.18 -8.50
CA GLN A 48 16.29 2.49 -8.70
C GLN A 48 16.37 2.07 -10.17
N LEU A 49 15.22 1.74 -10.76
CA LEU A 49 15.16 1.33 -12.15
C LEU A 49 15.38 2.52 -13.09
N ALA A 50 14.94 3.70 -12.66
CA ALA A 50 15.11 4.93 -13.45
C ALA A 50 16.58 5.32 -13.49
N LEU A 51 17.32 4.96 -12.46
CA LEU A 51 18.74 5.27 -12.38
C LEU A 51 19.54 4.33 -13.28
N ALA A 52 19.01 3.14 -13.51
CA ALA A 52 19.66 2.14 -14.34
C ALA A 52 19.32 2.25 -15.83
N SER A 53 18.30 3.04 -16.17
CA SER A 53 17.87 3.21 -17.56
C SER A 53 18.48 4.42 -18.25
N VAL A 54 18.32 4.47 -19.56
CA VAL A 54 18.81 5.58 -20.39
C VAL A 54 17.81 5.83 -21.50
N GLY A 55 17.84 7.02 -22.08
CA GLY A 55 16.92 7.33 -23.17
C GLY A 55 15.47 7.34 -22.78
N GLU A 56 14.61 7.02 -23.75
CA GLU A 56 13.16 7.00 -23.56
C GLU A 56 12.64 6.29 -22.30
N SER A 57 13.01 5.04 -22.10
CA SER A 57 12.57 4.27 -20.93
C SER A 57 12.80 5.05 -19.62
N HIS A 58 13.95 5.72 -19.55
CA HIS A 58 14.32 6.50 -18.38
C HIS A 58 13.39 7.71 -18.16
N ASP A 59 13.06 8.43 -19.23
CA ASP A 59 12.19 9.60 -19.15
C ASP A 59 10.78 9.16 -18.78
N GLU A 60 10.37 8.01 -19.32
CA GLU A 60 9.06 7.46 -19.04
C GLU A 60 8.95 7.22 -17.55
N LEU A 61 9.90 6.49 -17.00
CA LEU A 61 9.88 6.18 -15.57
C LEU A 61 9.83 7.46 -14.75
N LEU A 62 10.71 8.41 -15.07
CA LEU A 62 10.76 9.68 -14.35
C LEU A 62 9.43 10.43 -14.47
N ARG A 63 8.90 10.48 -15.68
CA ARG A 63 7.63 11.15 -15.93
C ARG A 63 6.55 10.60 -15.04
N ALA A 64 6.42 9.28 -15.03
CA ALA A 64 5.41 8.63 -14.22
C ALA A 64 5.66 8.84 -12.74
N LEU A 65 6.93 9.00 -12.37
CA LEU A 65 7.27 9.21 -10.98
C LEU A 65 7.08 10.67 -10.59
N ALA A 66 6.83 11.52 -11.58
CA ALA A 66 6.65 12.94 -11.36
C ALA A 66 7.92 13.50 -10.70
N LEU A 67 9.07 13.08 -11.23
CA LEU A 67 10.36 13.52 -10.71
C LEU A 67 11.15 14.20 -11.83
N PRO A 68 11.96 15.20 -11.48
CA PRO A 68 12.77 15.94 -12.46
C PRO A 68 13.98 15.22 -13.06
N ASN A 69 14.84 14.69 -12.19
CA ASN A 69 16.04 14.01 -12.66
C ASN A 69 16.56 12.96 -11.68
N ASP A 70 17.67 12.33 -12.08
CA ASP A 70 18.31 11.28 -11.28
C ASP A 70 18.84 11.84 -9.97
N ASN A 71 19.38 13.05 -10.03
CA ASN A 71 19.94 13.70 -8.84
C ASN A 71 18.90 13.87 -7.75
N VAL A 72 17.74 14.33 -8.14
CA VAL A 72 16.65 14.55 -7.19
C VAL A 72 16.05 13.20 -6.77
N THR A 73 16.02 12.28 -7.71
CA THR A 73 15.46 10.94 -7.45
C THR A 73 16.25 10.25 -6.33
N LYS A 74 17.56 10.24 -6.47
CA LYS A 74 18.45 9.65 -5.46
C LYS A 74 18.23 10.36 -4.09
N ASP A 75 18.23 11.70 -4.15
CA ASP A 75 18.11 12.44 -2.87
C ASP A 75 16.78 12.13 -2.14
N VAL A 76 15.68 12.07 -2.86
CA VAL A 76 14.41 11.73 -2.27
C VAL A 76 14.47 10.42 -1.54
N PHE A 77 14.95 9.34 -2.20
CA PHE A 77 14.79 7.99 -1.58
C PHE A 77 15.87 7.78 -0.55
N ALA A 78 17.01 8.42 -0.76
CA ALA A 78 18.11 8.40 0.21
C ALA A 78 17.55 8.93 1.52
N ASP A 79 16.87 10.09 1.39
CA ASP A 79 16.34 10.74 2.60
C ASP A 79 15.32 9.86 3.32
N LEU A 80 14.42 9.31 2.52
CA LEU A 80 13.56 8.24 3.02
C LEU A 80 14.31 7.17 3.78
N ASN A 81 15.34 6.58 3.19
CA ASN A 81 16.09 5.50 3.83
C ASN A 81 16.99 5.99 4.95
N ARG A 82 17.30 7.28 4.99
CA ARG A 82 17.81 7.94 6.21
C ARG A 82 16.79 8.06 7.35
N GLY A 83 15.49 7.92 7.09
CA GLY A 83 14.54 7.63 8.16
C GLY A 83 13.56 6.51 7.79
N VAL A 84 14.02 5.25 7.80
CA VAL A 84 13.12 4.10 7.66
C VAL A 84 13.56 2.93 8.57
N ARG A 85 12.88 2.84 9.73
CA ARG A 85 13.16 1.77 10.72
C ARG A 85 11.92 0.86 10.95
N ALA A 86 10.96 1.29 11.76
CA ALA A 86 9.79 0.42 12.09
C ALA A 86 8.44 1.13 11.93
N VAL A 87 8.28 2.20 12.67
CA VAL A 87 7.02 2.96 12.70
C VAL A 87 6.20 2.50 13.91
N LYS A 88 5.94 3.46 14.77
CA LYS A 88 5.24 3.26 16.07
C LYS A 88 3.78 2.81 15.90
N GLY A 89 3.44 1.91 16.81
CA GLY A 89 2.08 1.37 16.98
C GLY A 89 1.67 0.37 15.89
N VAL A 90 2.46 0.25 14.85
CA VAL A 90 2.10 -0.65 13.75
C VAL A 90 3.28 -1.49 13.26
N ASP A 91 2.91 -2.62 12.72
CA ASP A 91 3.85 -3.54 12.09
C ASP A 91 3.62 -3.45 10.58
N LEU A 92 4.45 -2.65 9.96
CA LEU A 92 4.39 -2.37 8.52
C LEU A 92 5.69 -2.86 7.86
N LYS A 93 5.58 -3.89 7.06
CA LYS A 93 6.73 -4.44 6.33
C LYS A 93 6.53 -4.23 4.83
N MET A 94 7.57 -3.72 4.20
CA MET A 94 7.59 -3.49 2.74
C MET A 94 8.93 -3.98 2.21
N ALA A 95 8.88 -4.95 1.31
CA ALA A 95 10.11 -5.50 0.74
C ALA A 95 10.11 -5.39 -0.77
N SER A 96 11.28 -5.07 -1.32
CA SER A 96 11.46 -4.93 -2.76
C SER A 96 12.77 -5.59 -3.15
N LYS A 97 12.80 -6.20 -4.33
CA LYS A 97 14.02 -6.85 -4.79
C LYS A 97 13.96 -7.17 -6.26
N ILE A 98 15.11 -7.07 -6.92
CA ILE A 98 15.22 -7.37 -8.35
C ILE A 98 16.11 -8.59 -8.54
N TYR A 99 15.58 -9.60 -9.20
CA TYR A 99 16.32 -10.82 -9.46
C TYR A 99 16.62 -10.87 -10.95
N VAL A 100 17.87 -11.14 -11.29
CA VAL A 100 18.32 -11.22 -12.67
C VAL A 100 19.00 -12.57 -12.92
N ALA A 101 18.90 -13.05 -14.16
CA ALA A 101 19.50 -14.33 -14.55
C ALA A 101 20.92 -14.55 -14.03
N LYS A 102 21.24 -15.79 -13.70
CA LYS A 102 22.55 -16.16 -13.19
C LYS A 102 23.76 -15.76 -14.03
N GLY A 103 23.66 -15.89 -15.34
CA GLY A 103 24.77 -15.55 -16.21
C GLY A 103 24.88 -14.12 -16.69
N LEU A 104 24.42 -13.17 -15.87
CA LEU A 104 24.48 -11.76 -16.21
C LEU A 104 25.27 -11.01 -15.14
N GLU A 105 26.44 -10.51 -15.51
CA GLU A 105 27.30 -9.81 -14.57
C GLU A 105 26.75 -8.51 -14.05
N LEU A 106 26.47 -8.47 -12.76
CA LEU A 106 25.91 -7.30 -12.12
C LEU A 106 26.96 -6.19 -11.97
N ASN A 107 26.51 -4.96 -12.15
CA ASN A 107 27.38 -3.80 -12.00
C ASN A 107 27.52 -3.57 -10.50
N ASP A 108 28.71 -3.88 -9.98
CA ASP A 108 29.02 -3.75 -8.55
C ASP A 108 28.61 -2.44 -7.90
N ASP A 109 28.81 -1.34 -8.61
CA ASP A 109 28.46 -0.01 -8.09
C ASP A 109 26.94 0.16 -7.92
N PHE A 110 26.21 -0.10 -9.00
CA PHE A 110 24.76 0.02 -8.99
C PHE A 110 24.13 -0.84 -7.90
N ALA A 111 24.81 -1.93 -7.54
CA ALA A 111 24.30 -2.82 -6.50
C ALA A 111 24.47 -2.18 -5.13
N ALA A 112 25.54 -1.41 -4.96
CA ALA A 112 25.80 -0.73 -3.70
C ALA A 112 24.74 0.35 -3.51
N VAL A 113 24.65 1.26 -4.48
CA VAL A 113 23.67 2.35 -4.43
C VAL A 113 22.26 1.80 -4.23
N SER A 114 22.00 0.63 -4.81
CA SER A 114 20.71 -0.01 -4.70
C SER A 114 20.31 -0.24 -3.24
N ARG A 115 21.16 -0.94 -2.51
CA ARG A 115 20.89 -1.26 -1.11
C ARG A 115 20.76 -0.08 -0.15
N ASP A 116 21.67 0.88 -0.23
CA ASP A 116 21.63 2.02 0.70
C ASP A 116 20.70 3.16 0.29
N VAL A 117 20.77 3.58 -0.96
CA VAL A 117 19.92 4.67 -1.41
C VAL A 117 18.45 4.25 -1.45
N PHE A 118 18.13 3.29 -2.31
CA PHE A 118 16.75 2.84 -2.46
C PHE A 118 16.36 1.68 -1.55
N GLY A 119 17.32 1.14 -0.81
CA GLY A 119 17.01 0.05 0.09
C GLY A 119 16.38 -1.16 -0.59
N SER A 120 16.57 -1.27 -1.90
CA SER A 120 16.03 -2.38 -2.68
C SER A 120 17.22 -3.13 -3.28
N GLU A 121 17.30 -4.42 -3.01
CA GLU A 121 18.44 -5.20 -3.50
C GLU A 121 18.31 -5.78 -4.91
N VAL A 122 19.44 -6.23 -5.43
CA VAL A 122 19.53 -6.85 -6.75
C VAL A 122 20.36 -8.10 -6.54
N GLN A 123 19.98 -9.20 -7.19
CA GLN A 123 20.75 -10.43 -7.01
C GLN A 123 20.53 -11.40 -8.16
N ASN A 124 21.49 -12.29 -8.35
CA ASN A 124 21.42 -13.29 -9.40
C ASN A 124 20.71 -14.53 -8.89
N VAL A 125 20.00 -15.20 -9.77
CA VAL A 125 19.31 -16.43 -9.41
C VAL A 125 19.25 -17.22 -10.72
N ASP A 126 19.28 -18.54 -10.64
CA ASP A 126 19.23 -19.34 -11.86
C ASP A 126 17.79 -19.64 -12.25
N PHE A 127 17.29 -18.88 -13.20
CA PHE A 127 15.92 -19.04 -13.67
C PHE A 127 15.77 -20.35 -14.47
N VAL A 128 16.88 -20.88 -14.97
CA VAL A 128 16.84 -22.11 -15.73
C VAL A 128 16.13 -23.20 -14.93
N LYS A 129 16.30 -23.14 -13.62
CA LYS A 129 15.66 -24.08 -12.71
C LYS A 129 14.49 -23.31 -12.10
N SER A 130 13.54 -22.98 -12.97
CA SER A 130 12.35 -22.22 -12.62
C SER A 130 11.78 -22.49 -11.23
N VAL A 131 11.31 -23.71 -11.00
CA VAL A 131 10.72 -24.07 -9.71
C VAL A 131 11.64 -23.76 -8.52
N GLU A 132 12.94 -23.99 -8.69
CA GLU A 132 13.88 -23.72 -7.62
C GLU A 132 14.01 -22.22 -7.42
N ALA A 133 13.99 -21.48 -8.52
CA ALA A 133 14.10 -20.02 -8.47
C ALA A 133 12.89 -19.44 -7.75
N ALA A 134 11.70 -19.92 -8.12
CA ALA A 134 10.47 -19.45 -7.50
C ALA A 134 10.53 -19.74 -6.00
N GLY A 135 11.02 -20.93 -5.66
CA GLY A 135 11.13 -21.30 -4.27
C GLY A 135 12.09 -20.38 -3.55
N ALA A 136 13.13 -19.95 -4.26
CA ALA A 136 14.13 -19.06 -3.70
C ALA A 136 13.54 -17.68 -3.47
N ILE A 137 12.82 -17.17 -4.46
CA ILE A 137 12.20 -15.87 -4.36
C ILE A 137 11.11 -15.87 -3.27
N ASN A 138 10.33 -16.95 -3.20
CA ASN A 138 9.28 -17.06 -2.21
C ASN A 138 9.83 -17.22 -0.80
N LYS A 139 11.04 -17.77 -0.68
CA LYS A 139 11.62 -17.96 0.65
C LYS A 139 12.10 -16.63 1.21
N TRP A 140 12.68 -15.79 0.36
CA TRP A 140 13.17 -14.48 0.78
C TRP A 140 12.02 -13.60 1.25
N VAL A 141 10.89 -13.66 0.54
CA VAL A 141 9.72 -12.88 0.90
C VAL A 141 9.18 -13.36 2.25
N GLU A 142 9.09 -14.67 2.44
CA GLU A 142 8.62 -15.23 3.69
C GLU A 142 9.49 -14.70 4.82
N ASP A 143 10.79 -14.63 4.55
CA ASP A 143 11.76 -14.15 5.52
C ASP A 143 11.61 -12.65 5.82
N GLN A 144 11.22 -11.89 4.80
CA GLN A 144 11.04 -10.45 4.96
C GLN A 144 9.73 -10.12 5.66
N THR A 145 8.80 -11.06 5.67
CA THR A 145 7.49 -10.82 6.30
C THR A 145 7.10 -11.75 7.46
N ASN A 146 8.08 -12.29 8.17
CA ASN A 146 7.79 -13.19 9.29
C ASN A 146 6.88 -14.33 8.85
N ASN A 147 7.06 -14.79 7.62
CA ASN A 147 6.25 -15.89 7.08
C ASN A 147 4.80 -15.50 6.95
N ARG A 148 4.52 -14.20 7.08
CA ARG A 148 3.15 -13.72 6.96
C ARG A 148 2.70 -13.84 5.52
N ILE A 149 3.62 -13.60 4.60
CA ILE A 149 3.30 -13.70 3.18
C ILE A 149 4.09 -14.84 2.55
N LYS A 150 3.41 -15.64 1.74
CA LYS A 150 4.06 -16.75 1.06
C LYS A 150 3.54 -16.90 -0.37
N ASN A 151 4.23 -17.71 -1.16
CA ASN A 151 3.85 -17.97 -2.53
C ASN A 151 3.64 -16.69 -3.35
N LEU A 152 4.56 -15.75 -3.25
CA LEU A 152 4.43 -14.51 -4.01
C LEU A 152 4.50 -14.82 -5.50
N VAL A 153 5.50 -15.60 -5.90
CA VAL A 153 5.64 -15.95 -7.30
C VAL A 153 5.40 -17.44 -7.56
N ASP A 154 4.57 -17.72 -8.55
CA ASP A 154 4.24 -19.09 -8.91
C ASP A 154 5.31 -19.61 -9.88
N PRO A 155 5.79 -20.84 -9.65
CA PRO A 155 6.81 -21.44 -10.52
C PRO A 155 6.45 -21.39 -12.01
N ASP A 156 5.16 -21.49 -12.31
CA ASP A 156 4.69 -21.45 -13.69
C ASP A 156 5.02 -20.12 -14.34
N ALA A 157 4.72 -19.03 -13.64
CA ALA A 157 4.95 -17.69 -14.13
C ALA A 157 6.42 -17.43 -14.53
N LEU A 158 7.31 -18.32 -14.13
CA LEU A 158 8.73 -18.16 -14.45
C LEU A 158 9.14 -19.04 -15.63
N ASP A 159 10.08 -18.55 -16.43
CA ASP A 159 10.59 -19.29 -17.58
C ASP A 159 12.06 -19.57 -17.38
N GLU A 160 12.59 -20.47 -18.19
CA GLU A 160 14.00 -20.80 -18.11
C GLU A 160 14.75 -19.68 -18.84
N THR A 161 14.01 -18.89 -19.61
CA THR A 161 14.57 -17.78 -20.37
C THR A 161 14.34 -16.41 -19.70
N THR A 162 13.82 -16.40 -18.47
CA THR A 162 13.56 -15.14 -17.76
C THR A 162 14.84 -14.36 -17.55
N ARG A 163 14.80 -13.07 -17.88
CA ARG A 163 15.96 -12.20 -17.72
C ARG A 163 15.96 -11.58 -16.32
N SER A 164 14.83 -11.03 -15.92
CA SER A 164 14.73 -10.42 -14.60
C SER A 164 13.29 -10.34 -14.13
N VAL A 165 13.13 -10.27 -12.82
CA VAL A 165 11.81 -10.21 -12.21
C VAL A 165 11.86 -9.26 -11.02
N LEU A 166 10.84 -8.41 -10.91
CA LEU A 166 10.75 -7.47 -9.80
C LEU A 166 9.63 -7.95 -8.87
N VAL A 167 9.95 -8.14 -7.61
CA VAL A 167 8.94 -8.60 -6.67
C VAL A 167 8.76 -7.51 -5.62
N ASN A 168 7.52 -7.32 -5.19
CA ASN A 168 7.18 -6.30 -4.21
C ASN A 168 6.20 -6.89 -3.21
N ALA A 169 6.53 -6.79 -1.93
CA ALA A 169 5.66 -7.33 -0.89
C ALA A 169 5.42 -6.34 0.23
N ILE A 170 4.19 -6.27 0.71
CA ILE A 170 3.84 -5.36 1.79
C ILE A 170 2.87 -6.03 2.78
N TYR A 171 3.22 -6.00 4.05
CA TYR A 171 2.36 -6.59 5.06
C TYR A 171 2.04 -5.57 6.14
N PHE A 172 0.84 -5.69 6.70
CA PHE A 172 0.43 -4.74 7.74
C PHE A 172 -0.58 -5.32 8.75
N LYS A 173 -0.31 -4.91 9.96
CA LYS A 173 -1.13 -5.15 11.16
C LYS A 173 -0.80 -4.00 12.12
N GLY A 174 -1.82 -3.41 12.71
CA GLY A 174 -1.57 -2.25 13.57
C GLY A 174 -2.13 -2.43 14.97
N SER A 175 -1.74 -1.52 15.87
CA SER A 175 -2.21 -1.53 17.24
C SER A 175 -2.93 -0.22 17.51
N TRP A 176 -4.24 -0.30 17.70
CA TRP A 176 -5.08 0.88 17.94
C TRP A 176 -4.65 1.66 19.18
N LYS A 177 -4.72 2.99 19.08
CA LYS A 177 -4.38 3.85 20.22
C LYS A 177 -5.25 3.43 21.39
N ASP A 178 -6.46 2.98 21.07
CA ASP A 178 -7.42 2.51 22.06
C ASP A 178 -8.08 1.26 21.50
N LYS A 179 -7.78 0.12 22.11
CA LYS A 179 -8.29 -1.18 21.69
C LYS A 179 -9.80 -1.35 21.69
N PHE A 180 -10.26 -2.33 20.91
CA PHE A 180 -11.67 -2.68 20.85
C PHE A 180 -11.77 -3.87 21.80
N ASN A 181 -12.91 -4.05 22.45
CA ASN A 181 -13.06 -5.18 23.36
C ASN A 181 -13.54 -6.41 22.64
N LYS A 182 -12.67 -7.41 22.54
CA LYS A 182 -12.98 -8.66 21.85
C LYS A 182 -14.35 -9.22 22.23
N GLU A 183 -14.69 -9.15 23.51
CA GLU A 183 -15.97 -9.66 23.98
C GLU A 183 -17.15 -8.89 23.38
N ARG A 184 -16.89 -7.65 22.95
CA ARG A 184 -17.94 -6.81 22.38
C ARG A 184 -18.21 -7.08 20.90
N THR A 185 -17.27 -7.76 20.23
CA THR A 185 -17.41 -8.08 18.81
C THR A 185 -18.55 -9.08 18.59
N MET A 186 -19.42 -8.77 17.62
CA MET A 186 -20.57 -9.63 17.33
C MET A 186 -20.98 -9.56 15.87
N ASP A 187 -21.72 -10.56 15.41
CA ASP A 187 -22.17 -10.61 14.03
C ASP A 187 -23.23 -9.57 13.76
N ARG A 188 -22.94 -8.66 12.83
CA ARG A 188 -23.92 -7.63 12.48
C ARG A 188 -24.11 -7.59 10.98
N ASP A 189 -25.19 -6.98 10.54
CA ASP A 189 -25.48 -6.90 9.12
C ASP A 189 -24.47 -6.08 8.33
N PHE A 190 -24.19 -6.53 7.12
CA PHE A 190 -23.30 -5.85 6.21
C PHE A 190 -23.97 -5.94 4.85
N HIS A 191 -24.19 -4.78 4.23
CA HIS A 191 -24.84 -4.73 2.94
C HIS A 191 -23.85 -4.81 1.80
N VAL A 192 -23.71 -6.01 1.23
CA VAL A 192 -22.78 -6.20 0.14
C VAL A 192 -23.33 -5.55 -1.14
N SER A 193 -24.64 -5.65 -1.33
CA SER A 193 -25.29 -5.05 -2.49
C SER A 193 -26.63 -4.53 -2.01
N LYS A 194 -27.33 -3.81 -2.87
CA LYS A 194 -28.63 -3.26 -2.50
C LYS A 194 -29.67 -4.33 -2.17
N ASP A 195 -29.38 -5.59 -2.51
CA ASP A 195 -30.30 -6.69 -2.23
C ASP A 195 -29.69 -7.88 -1.48
N LYS A 196 -28.39 -7.79 -1.19
CA LYS A 196 -27.71 -8.87 -0.45
C LYS A 196 -27.15 -8.36 0.87
N THR A 197 -27.46 -9.08 1.95
CA THR A 197 -26.98 -8.71 3.27
C THR A 197 -26.44 -9.94 3.99
N ILE A 198 -25.27 -9.80 4.59
CA ILE A 198 -24.64 -10.90 5.30
C ILE A 198 -24.29 -10.44 6.71
N LYS A 199 -24.00 -11.41 7.57
CA LYS A 199 -23.64 -11.11 8.96
C LYS A 199 -22.16 -11.39 9.17
N VAL A 200 -21.39 -10.34 9.44
CA VAL A 200 -19.95 -10.44 9.65
C VAL A 200 -19.54 -9.96 11.04
N PRO A 201 -18.46 -10.54 11.61
CA PRO A 201 -18.02 -10.10 12.94
C PRO A 201 -17.73 -8.61 12.89
N THR A 202 -18.33 -7.86 13.80
CA THR A 202 -18.15 -6.42 13.82
C THR A 202 -17.69 -5.99 15.21
N MET A 203 -16.63 -5.20 15.24
CA MET A 203 -16.07 -4.69 16.48
C MET A 203 -16.87 -3.45 16.85
N ILE A 204 -17.10 -3.27 18.15
CA ILE A 204 -17.88 -2.14 18.64
C ILE A 204 -17.12 -1.42 19.74
N GLY A 205 -17.07 -0.10 19.65
CA GLY A 205 -16.38 0.67 20.67
C GLY A 205 -16.61 2.15 20.50
N LYS A 206 -16.53 2.89 21.61
CA LYS A 206 -16.69 4.33 21.57
C LYS A 206 -15.27 4.87 21.45
N LYS A 207 -14.99 5.66 20.43
CA LYS A 207 -13.64 6.17 20.26
C LYS A 207 -13.52 7.61 19.81
N ASP A 208 -12.41 8.24 20.17
CA ASP A 208 -12.14 9.61 19.76
C ASP A 208 -11.60 9.46 18.35
N VAL A 209 -12.22 10.12 17.39
CA VAL A 209 -11.78 10.04 16.02
C VAL A 209 -11.87 11.42 15.39
N ARG A 210 -11.45 11.46 14.15
CA ARG A 210 -11.57 12.65 13.31
C ARG A 210 -12.66 12.31 12.32
N TYR A 211 -13.70 13.11 12.31
CA TYR A 211 -14.86 12.80 11.48
C TYR A 211 -15.24 13.98 10.58
N ALA A 212 -15.95 13.66 9.53
CA ALA A 212 -16.40 14.66 8.56
C ALA A 212 -17.37 14.06 7.55
N ASP A 213 -18.40 14.84 7.31
CA ASP A 213 -19.38 14.53 6.28
C ASP A 213 -18.84 15.19 5.01
N VAL A 214 -18.80 14.44 3.94
CA VAL A 214 -18.23 14.98 2.70
C VAL A 214 -19.20 14.92 1.53
N PRO A 215 -19.99 15.96 1.34
CA PRO A 215 -20.95 16.01 0.24
C PRO A 215 -20.33 15.78 -1.14
N GLU A 216 -19.14 16.32 -1.36
CA GLU A 216 -18.45 16.17 -2.64
C GLU A 216 -18.33 14.69 -3.02
N LEU A 217 -17.94 13.86 -2.06
CA LEU A 217 -17.78 12.42 -2.27
C LEU A 217 -19.01 11.63 -1.86
N ASP A 218 -20.05 12.33 -1.42
CA ASP A 218 -21.29 11.67 -0.98
C ASP A 218 -20.95 10.54 -0.01
N ALA A 219 -20.08 10.83 0.94
CA ALA A 219 -19.65 9.84 1.91
C ALA A 219 -19.34 10.46 3.25
N LYS A 220 -19.00 9.59 4.21
CA LYS A 220 -18.63 10.01 5.54
C LYS A 220 -17.18 9.56 5.70
N MET A 221 -16.34 10.44 6.25
CA MET A 221 -14.95 10.10 6.43
C MET A 221 -14.65 9.97 7.91
N ILE A 222 -13.87 8.95 8.24
CA ILE A 222 -13.48 8.71 9.62
C ILE A 222 -11.99 8.42 9.65
N GLU A 223 -11.32 8.92 10.67
CA GLU A 223 -9.89 8.70 10.82
C GLU A 223 -9.60 8.22 12.25
N MET A 224 -9.06 7.02 12.35
CA MET A 224 -8.74 6.42 13.65
C MET A 224 -7.24 6.32 13.76
N SER A 225 -6.69 6.56 14.94
CA SER A 225 -5.26 6.50 15.08
C SER A 225 -4.74 5.27 15.81
N TYR A 226 -3.50 4.92 15.49
CA TYR A 226 -2.83 3.77 16.10
C TYR A 226 -1.92 4.26 17.22
N GLU A 227 -1.40 3.32 18.00
CA GLU A 227 -0.52 3.63 19.11
C GLU A 227 0.60 4.54 18.63
N GLY A 228 0.98 5.52 19.46
CA GLY A 228 2.06 6.41 19.10
C GLY A 228 1.61 7.66 18.36
N ASP A 229 0.44 7.58 17.75
CA ASP A 229 -0.13 8.72 17.03
C ASP A 229 0.66 9.17 15.81
N GLN A 230 1.31 8.25 15.12
CA GLN A 230 2.08 8.60 13.92
C GLN A 230 1.33 8.11 12.69
N ALA A 231 0.66 6.97 12.83
CA ALA A 231 -0.10 6.37 11.74
C ALA A 231 -1.60 6.39 12.06
N SER A 232 -2.42 6.46 11.01
CA SER A 232 -3.86 6.47 11.16
C SER A 232 -4.55 5.73 10.03
N MET A 233 -5.73 5.18 10.33
CA MET A 233 -6.53 4.46 9.36
C MET A 233 -7.65 5.38 8.90
N ILE A 234 -7.68 5.68 7.61
CA ILE A 234 -8.72 6.53 7.04
C ILE A 234 -9.79 5.63 6.44
N ILE A 235 -11.04 5.91 6.79
CA ILE A 235 -12.15 5.14 6.24
C ILE A 235 -13.14 6.10 5.61
N ILE A 236 -13.52 5.82 4.38
CA ILE A 236 -14.51 6.63 3.69
C ILE A 236 -15.68 5.72 3.38
N LEU A 237 -16.82 6.01 4.00
CA LEU A 237 -18.02 5.22 3.82
C LEU A 237 -19.05 5.96 2.98
N PRO A 238 -19.33 5.46 1.77
CA PRO A 238 -20.32 6.12 0.91
C PRO A 238 -21.68 6.09 1.56
N ASN A 239 -22.48 7.13 1.33
CA ASN A 239 -23.82 7.23 1.91
C ASN A 239 -24.73 6.12 1.36
N GLN A 240 -24.54 5.79 0.09
CA GLN A 240 -25.34 4.76 -0.57
C GLN A 240 -24.65 3.40 -0.55
N VAL A 241 -25.45 2.34 -0.63
CA VAL A 241 -24.93 0.98 -0.62
C VAL A 241 -24.10 0.69 -1.86
N ASP A 242 -24.46 1.32 -2.96
CA ASP A 242 -23.76 1.13 -4.22
C ASP A 242 -22.92 2.33 -4.62
N GLY A 243 -22.67 3.21 -3.64
CA GLY A 243 -21.89 4.40 -3.91
C GLY A 243 -20.40 4.15 -4.02
N ILE A 244 -19.96 2.96 -3.63
CA ILE A 244 -18.55 2.64 -3.68
C ILE A 244 -17.91 2.90 -5.05
N THR A 245 -18.57 2.52 -6.13
CA THR A 245 -17.97 2.77 -7.46
C THR A 245 -17.92 4.24 -7.79
N ALA A 246 -18.94 4.98 -7.38
CA ALA A 246 -18.98 6.43 -7.63
C ALA A 246 -17.81 7.09 -6.90
N LEU A 247 -17.51 6.62 -5.70
CA LEU A 247 -16.41 7.16 -4.91
C LEU A 247 -15.06 6.85 -5.57
N GLU A 248 -14.95 5.64 -6.11
CA GLU A 248 -13.71 5.25 -6.77
C GLU A 248 -13.38 6.21 -7.90
N GLN A 249 -14.39 6.58 -8.68
CA GLN A 249 -14.18 7.50 -9.79
C GLN A 249 -13.69 8.84 -9.27
N LYS A 250 -14.27 9.31 -8.17
CA LYS A 250 -13.90 10.58 -7.57
C LYS A 250 -12.48 10.53 -7.04
N LEU A 251 -12.09 9.40 -6.49
CA LEU A 251 -10.75 9.23 -5.93
C LEU A 251 -9.61 9.24 -6.97
N LYS A 252 -9.96 9.39 -8.24
CA LYS A 252 -8.96 9.45 -9.30
C LYS A 252 -8.15 10.73 -9.18
N ASP A 253 -8.84 11.84 -8.91
CA ASP A 253 -8.19 13.13 -8.71
C ASP A 253 -7.37 13.01 -7.43
N PRO A 254 -6.04 13.12 -7.55
CA PRO A 254 -5.18 13.01 -6.37
C PRO A 254 -5.42 14.05 -5.29
N LYS A 255 -6.42 14.91 -5.47
CA LYS A 255 -6.71 15.95 -4.49
C LYS A 255 -8.06 15.85 -3.78
N ALA A 256 -8.91 14.91 -4.21
CA ALA A 256 -10.21 14.73 -3.59
C ALA A 256 -10.03 14.39 -2.12
N LEU A 257 -9.03 13.55 -1.84
CA LEU A 257 -8.72 13.14 -0.49
C LEU A 257 -8.24 14.31 0.36
N SER A 258 -7.41 15.16 -0.23
CA SER A 258 -6.89 16.33 0.46
C SER A 258 -8.03 17.28 0.83
N ARG A 259 -8.96 17.43 -0.11
CA ARG A 259 -10.11 18.29 0.07
C ARG A 259 -11.01 17.79 1.20
N ALA A 260 -11.23 16.48 1.24
CA ALA A 260 -12.06 15.87 2.26
C ALA A 260 -11.47 16.02 3.66
N GLU A 261 -10.16 15.86 3.75
CA GLU A 261 -9.44 15.96 5.01
C GLU A 261 -9.50 17.35 5.63
N GLU A 262 -9.68 18.37 4.79
CA GLU A 262 -9.78 19.74 5.27
C GLU A 262 -11.07 19.90 6.06
N ARG A 263 -11.98 18.95 5.91
CA ARG A 263 -13.27 18.99 6.61
C ARG A 263 -13.24 18.29 7.96
N LEU A 264 -12.21 17.48 8.19
CA LEU A 264 -12.10 16.72 9.43
C LEU A 264 -12.08 17.56 10.71
N TYR A 265 -12.76 17.06 11.74
CA TYR A 265 -12.78 17.73 13.05
C TYR A 265 -12.83 16.63 14.10
N ASN A 266 -12.34 16.91 15.31
CA ASN A 266 -12.31 15.93 16.37
C ASN A 266 -13.62 15.75 17.10
N THR A 267 -13.95 14.50 17.41
CA THR A 267 -15.18 14.19 18.11
C THR A 267 -15.18 12.76 18.61
N GLU A 268 -16.28 12.36 19.23
CA GLU A 268 -16.41 11.01 19.75
C GLU A 268 -17.62 10.34 19.11
N VAL A 269 -17.48 9.08 18.76
CA VAL A 269 -18.57 8.33 18.15
C VAL A 269 -18.53 6.87 18.59
N GLU A 270 -19.63 6.18 18.38
CA GLU A 270 -19.72 4.75 18.70
C GLU A 270 -19.47 4.13 17.33
N ILE A 271 -18.32 3.48 17.17
CA ILE A 271 -17.98 2.88 15.89
C ILE A 271 -18.26 1.39 15.76
N TYR A 272 -18.87 1.02 14.64
CA TYR A 272 -19.19 -0.36 14.34
C TYR A 272 -18.35 -0.68 13.12
N LEU A 273 -17.22 -1.33 13.36
CA LEU A 273 -16.29 -1.64 12.27
C LEU A 273 -16.00 -3.12 12.11
N PRO A 274 -16.30 -3.70 10.94
CA PRO A 274 -16.05 -5.12 10.70
C PRO A 274 -14.55 -5.42 10.71
N LYS A 275 -14.16 -6.59 11.22
CA LYS A 275 -12.76 -6.96 11.19
C LYS A 275 -12.57 -7.48 9.77
N PHE A 276 -11.36 -7.41 9.25
CA PHE A 276 -11.14 -7.91 7.90
C PHE A 276 -9.66 -8.08 7.58
N LYS A 277 -9.38 -9.00 6.67
CA LYS A 277 -8.01 -9.25 6.23
C LYS A 277 -8.10 -9.41 4.73
N ILE A 278 -7.33 -8.59 4.01
CA ILE A 278 -7.35 -8.61 2.55
C ILE A 278 -5.97 -8.98 2.04
N GLU A 279 -5.93 -9.86 1.05
CA GLU A 279 -4.68 -10.28 0.44
C GLU A 279 -4.86 -10.14 -1.06
N THR A 280 -4.00 -9.36 -1.69
CA THR A 280 -4.08 -9.13 -3.13
C THR A 280 -2.74 -9.34 -3.84
N THR A 281 -2.78 -10.02 -4.98
CA THR A 281 -1.59 -10.24 -5.79
C THR A 281 -1.80 -9.40 -7.02
N THR A 282 -0.96 -8.38 -7.21
CA THR A 282 -1.12 -7.51 -8.36
C THR A 282 -0.03 -7.69 -9.41
N ASP A 283 -0.45 -7.79 -10.66
CA ASP A 283 0.50 -7.94 -11.76
C ASP A 283 0.94 -6.53 -12.12
N LEU A 284 2.02 -6.09 -11.49
CA LEU A 284 2.57 -4.76 -11.71
C LEU A 284 2.92 -4.50 -13.16
N LYS A 285 3.22 -5.56 -13.91
CA LYS A 285 3.56 -5.39 -15.32
C LYS A 285 2.34 -4.90 -16.07
N GLU A 286 1.18 -5.46 -15.72
CA GLU A 286 -0.07 -5.08 -16.37
C GLU A 286 -0.53 -3.69 -15.95
N VAL A 287 -0.46 -3.42 -14.66
CA VAL A 287 -0.87 -2.14 -14.10
C VAL A 287 0.01 -0.99 -14.57
N LEU A 288 1.32 -1.12 -14.38
CA LEU A 288 2.27 -0.09 -14.78
C LEU A 288 2.23 0.20 -16.28
N SER A 289 2.00 -0.82 -17.09
CA SER A 289 1.93 -0.61 -18.52
C SER A 289 0.73 0.27 -18.85
N ASN A 290 -0.35 0.10 -18.09
CA ASN A 290 -1.57 0.88 -18.30
C ASN A 290 -1.37 2.29 -17.77
N MET A 291 -0.31 2.46 -16.98
CA MET A 291 0.01 3.76 -16.41
C MET A 291 1.13 4.39 -17.23
N ASN A 292 1.24 3.94 -18.47
CA ASN A 292 2.23 4.44 -19.42
C ASN A 292 3.69 4.04 -19.21
N ILE A 293 3.94 3.02 -18.40
CA ILE A 293 5.31 2.55 -18.19
C ILE A 293 5.44 1.22 -18.96
N LYS A 294 5.79 1.32 -20.24
CA LYS A 294 5.91 0.13 -21.08
C LYS A 294 7.32 -0.27 -21.48
N LYS A 295 8.11 0.70 -21.93
CA LYS A 295 9.48 0.43 -22.36
C LYS A 295 10.24 -0.49 -21.40
N LEU A 296 10.11 -0.22 -20.11
CA LEU A 296 10.79 -1.01 -19.09
C LEU A 296 10.53 -2.52 -19.23
N PHE A 297 9.43 -2.88 -19.89
CA PHE A 297 9.08 -4.30 -20.07
C PHE A 297 9.22 -4.79 -21.51
N THR A 298 9.77 -3.95 -22.38
CA THR A 298 9.94 -4.31 -23.80
C THR A 298 11.36 -4.66 -24.18
N PRO A 299 11.58 -5.90 -24.67
CA PRO A 299 12.93 -6.30 -25.07
C PRO A 299 13.51 -5.32 -26.09
N GLY A 300 14.73 -4.87 -25.87
CA GLY A 300 15.34 -3.94 -26.78
C GLY A 300 14.78 -2.53 -26.67
N ALA A 301 14.13 -2.23 -25.53
CA ALA A 301 13.55 -0.91 -25.31
C ALA A 301 13.78 -0.41 -23.88
N ALA A 302 14.02 -1.34 -22.95
CA ALA A 302 14.25 -1.00 -21.55
C ALA A 302 15.53 -0.18 -21.36
N ARG A 303 16.61 -0.61 -21.99
CA ARG A 303 17.88 0.09 -21.91
C ARG A 303 18.39 0.23 -20.48
N LEU A 304 18.37 -0.86 -19.73
CA LEU A 304 18.86 -0.84 -18.35
C LEU A 304 20.36 -1.02 -18.42
N GLU A 305 20.99 -0.19 -19.24
CA GLU A 305 22.43 -0.24 -19.48
C GLU A 305 23.36 0.00 -18.30
N ASN A 306 22.78 0.37 -17.15
CA ASN A 306 23.61 0.62 -15.97
C ASN A 306 23.51 -0.50 -14.95
N LEU A 307 22.62 -1.46 -15.20
CA LEU A 307 22.44 -2.58 -14.29
C LEU A 307 23.51 -3.67 -14.43
N LEU A 308 23.93 -3.94 -15.67
CA LEU A 308 24.93 -4.97 -15.92
C LEU A 308 26.30 -4.38 -16.25
N LYS A 309 27.35 -5.08 -15.82
CA LYS A 309 28.73 -4.64 -16.04
C LYS A 309 29.10 -4.53 -17.52
N THR A 310 28.54 -5.43 -18.33
CA THR A 310 28.80 -5.45 -19.76
C THR A 310 27.76 -4.64 -20.51
N LYS A 311 26.88 -3.99 -19.76
CA LYS A 311 25.81 -3.17 -20.33
C LYS A 311 24.99 -3.94 -21.36
N GLU A 312 24.92 -5.25 -21.15
CA GLU A 312 24.15 -6.12 -22.03
C GLU A 312 22.68 -5.69 -21.98
N SER A 313 21.96 -5.90 -23.07
CA SER A 313 20.56 -5.53 -23.13
C SER A 313 19.75 -6.39 -22.16
N LEU A 314 18.82 -5.75 -21.46
CA LEU A 314 17.98 -6.43 -20.48
C LEU A 314 16.71 -5.63 -20.24
N TYR A 315 15.62 -6.33 -19.97
CA TYR A 315 14.33 -5.73 -19.70
C TYR A 315 13.69 -6.54 -18.57
N VAL A 316 12.56 -6.08 -18.05
CA VAL A 316 11.89 -6.78 -16.97
C VAL A 316 10.83 -7.72 -17.51
N ASP A 317 10.95 -9.00 -17.15
CA ASP A 317 10.02 -10.01 -17.61
C ASP A 317 8.71 -10.02 -16.84
N ALA A 318 8.81 -9.90 -15.52
CA ALA A 318 7.64 -9.91 -14.68
C ALA A 318 7.84 -9.06 -13.43
N ALA A 319 6.75 -8.43 -12.98
CA ALA A 319 6.76 -7.58 -11.81
C ALA A 319 5.55 -7.96 -10.97
N ILE A 320 5.77 -8.40 -9.74
CA ILE A 320 4.67 -8.80 -8.89
C ILE A 320 4.64 -8.16 -7.52
N GLN A 321 3.48 -7.63 -7.13
CA GLN A 321 3.31 -7.06 -5.80
C GLN A 321 2.27 -7.92 -5.08
N LYS A 322 2.59 -8.32 -3.86
CA LYS A 322 1.67 -9.11 -3.05
C LYS A 322 1.46 -8.32 -1.76
N ALA A 323 0.20 -8.02 -1.46
CA ALA A 323 -0.14 -7.25 -0.27
C ALA A 323 -1.14 -7.96 0.63
N PHE A 324 -0.84 -8.00 1.91
CA PHE A 324 -1.68 -8.65 2.89
C PHE A 324 -1.92 -7.67 4.04
N ILE A 325 -3.19 -7.35 4.26
CA ILE A 325 -3.62 -6.41 5.30
C ILE A 325 -4.47 -7.11 6.34
N GLU A 326 -4.20 -6.84 7.61
CA GLU A 326 -4.96 -7.43 8.72
C GLU A 326 -5.50 -6.35 9.67
N VAL A 327 -6.81 -6.37 9.89
CA VAL A 327 -7.45 -5.39 10.78
C VAL A 327 -8.32 -6.06 11.84
N ASN A 328 -7.95 -5.92 13.11
CA ASN A 328 -8.76 -6.50 14.17
C ASN A 328 -8.81 -5.63 15.44
N GLU A 329 -9.14 -6.26 16.58
CA GLU A 329 -9.30 -5.54 17.85
C GLU A 329 -8.05 -5.07 18.57
N GLU A 330 -6.94 -5.77 18.35
CA GLU A 330 -5.66 -5.44 18.98
C GLU A 330 -5.50 -3.93 19.15
N GLY A 331 -5.08 -3.54 20.34
CA GLY A 331 -4.86 -2.11 20.66
C GLY A 331 -4.26 -1.98 22.07
N ALA A 332 -3.96 -0.75 22.42
CA ALA A 332 -3.41 -0.44 23.76
C ALA A 332 -4.59 -0.36 24.77
N GLU A 333 -4.20 -0.36 26.02
CA GLU A 333 -5.05 -0.14 27.21
C GLU A 333 -6.36 -0.90 27.21
N ALA A 334 -6.15 -2.04 27.77
CA ALA A 334 -7.14 -3.03 28.03
C ALA A 334 -8.37 -2.38 28.64
N ALA A 335 -9.43 -3.11 28.63
CA ALA A 335 -10.69 -2.58 29.08
C ALA A 335 -10.68 -2.08 30.52
N ALA A 336 -10.47 -3.02 31.46
CA ALA A 336 -10.16 -2.65 32.85
C ALA A 336 -8.83 -1.92 33.04
N ALA A 337 -8.57 -0.79 32.39
CA ALA A 337 -7.50 0.11 32.78
C ALA A 337 -7.84 0.90 34.06
N ASN A 338 -8.60 2.00 33.89
CA ASN A 338 -8.94 2.77 35.08
C ASN A 338 -10.42 2.60 35.39
N ALA A 339 -10.64 1.72 36.33
CA ALA A 339 -11.98 1.36 36.78
C ALA A 339 -12.65 2.48 37.61
N PHE A 340 -13.88 2.78 37.21
CA PHE A 340 -14.78 3.70 37.95
C PHE A 340 -14.67 5.20 37.57
N LYS A 341 -13.75 5.57 36.70
CA LYS A 341 -13.61 7.01 36.33
C LYS A 341 -14.83 7.81 36.79
N ILE A 342 -14.67 8.34 37.98
CA ILE A 342 -15.68 9.16 38.66
C ILE A 342 -15.68 10.58 38.02
N THR A 343 -16.74 10.81 37.23
CA THR A 343 -17.01 12.07 36.49
C THR A 343 -18.53 12.36 36.54
N THR A 344 -18.99 13.47 35.95
CA THR A 344 -20.43 13.86 36.02
C THR A 344 -21.35 12.66 35.80
N TYR A 345 -22.53 12.78 36.39
CA TYR A 345 -23.57 11.76 36.28
C TYR A 345 -24.30 11.89 34.96
N SER A 346 -23.87 12.72 34.03
CA SER A 346 -24.68 13.09 32.89
C SER A 346 -24.31 12.16 31.72
N PHE A 347 -25.02 12.36 30.62
CA PHE A 347 -24.93 11.60 29.41
C PHE A 347 -24.91 12.55 28.21
N HIS A 348 -23.76 12.61 27.55
CA HIS A 348 -23.60 13.31 26.27
C HIS A 348 -24.17 12.39 25.20
N PHE A 349 -24.70 12.97 24.13
CA PHE A 349 -24.95 12.14 22.94
C PHE A 349 -23.73 11.81 22.10
N VAL A 350 -23.55 10.52 21.81
CA VAL A 350 -22.48 9.88 21.05
C VAL A 350 -23.11 9.26 19.83
N PRO A 351 -22.92 9.83 18.65
CA PRO A 351 -23.50 9.29 17.44
C PRO A 351 -22.96 7.91 17.16
N LYS A 352 -23.75 7.15 16.44
CA LYS A 352 -23.42 5.77 16.02
C LYS A 352 -22.96 5.78 14.58
N VAL A 353 -21.74 5.35 14.35
CA VAL A 353 -21.22 5.27 12.99
C VAL A 353 -21.01 3.80 12.64
N GLU A 354 -21.87 3.33 11.74
CA GLU A 354 -21.85 1.92 11.34
C GLU A 354 -21.26 1.73 9.95
N ILE A 355 -20.06 1.13 9.91
CA ILE A 355 -19.38 0.85 8.65
C ILE A 355 -19.94 -0.49 8.17
N ASN A 356 -21.16 -0.46 7.64
CA ASN A 356 -21.84 -1.67 7.18
C ASN A 356 -22.15 -1.73 5.69
N LYS A 357 -21.36 -1.04 4.87
CA LYS A 357 -21.50 -1.05 3.42
C LYS A 357 -20.10 -0.97 2.80
N PRO A 358 -19.94 -1.41 1.53
CA PRO A 358 -18.64 -1.36 0.85
C PRO A 358 -17.93 -0.04 1.12
N PHE A 359 -16.73 -0.12 1.70
CA PHE A 359 -16.00 1.09 2.02
C PHE A 359 -14.56 1.11 1.55
N PHE A 360 -14.01 2.33 1.47
CA PHE A 360 -12.63 2.55 1.05
C PHE A 360 -11.82 2.79 2.32
N PHE A 361 -10.56 2.36 2.31
CA PHE A 361 -9.70 2.55 3.46
C PHE A 361 -8.31 2.90 2.98
N SER A 362 -7.52 3.50 3.87
CA SER A 362 -6.16 3.88 3.52
C SER A 362 -5.33 4.11 4.77
N LEU A 363 -4.09 3.65 4.75
CA LEU A 363 -3.21 3.84 5.89
C LEU A 363 -2.38 5.09 5.64
N LYS A 364 -2.39 6.01 6.59
CA LYS A 364 -1.67 7.26 6.48
C LYS A 364 -0.51 7.32 7.48
N TYR A 365 0.70 7.51 6.97
CA TYR A 365 1.89 7.62 7.82
C TYR A 365 2.66 8.84 7.34
N ASN A 366 3.08 9.69 8.27
CA ASN A 366 3.83 10.90 7.92
C ASN A 366 3.17 11.61 6.74
N ARG A 367 1.85 11.71 6.77
CA ARG A 367 1.09 12.37 5.71
C ARG A 367 1.15 11.68 4.35
N ASN A 368 1.63 10.44 4.30
CA ASN A 368 1.69 9.68 3.05
C ASN A 368 0.85 8.40 3.15
N SER A 369 0.08 8.09 2.12
CA SER A 369 -0.74 6.88 2.13
C SER A 369 0.14 5.67 1.86
N MET A 370 0.36 4.86 2.89
CA MET A 370 1.19 3.66 2.76
C MET A 370 0.54 2.65 1.84
N PHE A 371 -0.78 2.55 1.91
CA PHE A 371 -1.55 1.64 1.05
C PHE A 371 -3.01 2.03 1.10
N SER A 372 -3.77 1.56 0.13
CA SER A 372 -5.18 1.88 0.06
C SER A 372 -5.93 0.73 -0.57
N GLY A 373 -7.25 0.77 -0.46
CA GLY A 373 -8.05 -0.30 -1.04
C GLY A 373 -9.54 -0.17 -0.75
N VAL A 374 -10.29 -1.19 -1.16
CA VAL A 374 -11.71 -1.21 -0.94
C VAL A 374 -12.10 -2.57 -0.36
N CYS A 375 -13.10 -2.55 0.51
CA CYS A 375 -13.58 -3.75 1.13
C CYS A 375 -15.06 -3.79 0.79
N VAL A 376 -15.44 -4.77 -0.03
CA VAL A 376 -16.85 -4.91 -0.43
C VAL A 376 -17.47 -6.13 0.23
N GLN A 377 -16.62 -7.01 0.76
CA GLN A 377 -17.10 -8.23 1.41
C GLN A 377 -16.16 -8.64 2.53
N PRO A 378 -16.43 -8.20 3.78
CA PRO A 378 -15.57 -8.56 4.91
C PRO A 378 -15.53 -10.06 5.18
#